data_3D3O
#
_entry.id   3D3O
#
_cell.length_a   60.382
_cell.length_b   71.681
_cell.length_c   96.222
_cell.angle_alpha   90.00
_cell.angle_beta   90.00
_cell.angle_gamma   90.00
#
_symmetry.space_group_name_H-M   'P 21 21 21'
#
loop_
_entity.id
_entity.type
_entity.pdbx_description
1 polymer 'Putative transcriptional regulator, IcIR family'
2 non-polymer 'SULFATE ION'
3 non-polymer 'AMMONIUM ION'
4 water water
#
_entity_poly.entity_id   1
_entity_poly.type   'polypeptide(L)'
_entity_poly.pdbx_seq_one_letter_code
;SNALFSSRDILEVLQDIH(MSE)ETGETVAIATKNDIYLQYIQIIESVHALRFHVDENAIRPLT(MSE)SSNGW(MSE)L
(MSE)ST(MSE)NDKAIDNTVRRANTITQKDGIRFEVDD(MSE)(MSE)ARIRQVREQGYASAEHIPFVGGGTICVLLP
(MSE)TIQGQPVT(MSE)GLGGALDRIKQNYDRYLELLLNGVQQLKKSDSFHQPI
;
_entity_poly.pdbx_strand_id   A,B
#
# COMPACT_ATOMS: atom_id res chain seq x y z
N SER A 1 -3.50 14.57 -35.68
CA SER A 1 -2.97 15.92 -36.07
C SER A 1 -3.45 17.07 -35.14
N ASN A 2 -4.06 16.65 -34.01
CA ASN A 2 -4.52 17.58 -33.00
C ASN A 2 -4.39 16.99 -31.64
N ALA A 3 -3.55 15.95 -31.63
CA ALA A 3 -3.16 15.17 -30.52
C ALA A 3 -2.76 15.98 -29.30
N LEU A 4 -2.06 17.09 -29.47
CA LEU A 4 -1.49 17.83 -28.32
C LEU A 4 -2.53 18.64 -27.49
N PHE A 5 -3.43 19.31 -28.20
CA PHE A 5 -4.55 19.98 -27.59
C PHE A 5 -5.46 18.97 -26.90
N SER A 6 -5.71 17.81 -27.50
CA SER A 6 -6.47 16.81 -26.72
C SER A 6 -5.74 16.29 -25.49
N SER A 7 -4.41 16.08 -25.59
CA SER A 7 -3.66 15.52 -24.45
C SER A 7 -3.74 16.56 -23.34
N ARG A 8 -3.63 17.81 -23.73
CA ARG A 8 -3.65 18.88 -22.75
C ARG A 8 -5.01 18.98 -22.07
N ASP A 9 -6.12 18.93 -22.81
CA ASP A 9 -7.47 18.86 -22.25
C ASP A 9 -7.56 17.73 -21.21
N ILE A 10 -7.12 16.53 -21.56
CA ILE A 10 -7.15 15.38 -20.65
C ILE A 10 -6.30 15.56 -19.38
N LEU A 11 -5.06 15.97 -19.56
CA LEU A 11 -4.20 16.28 -18.45
C LEU A 11 -4.84 17.33 -17.54
N GLU A 12 -5.44 18.38 -18.09
CA GLU A 12 -6.07 19.38 -17.22
C GLU A 12 -7.20 18.76 -16.36
N VAL A 13 -8.03 17.90 -16.95
CA VAL A 13 -9.07 17.25 -16.19
C VAL A 13 -8.48 16.30 -15.12
N LEU A 14 -7.48 15.53 -15.51
CA LEU A 14 -6.85 14.58 -14.61
C LEU A 14 -6.15 15.31 -13.43
N GLN A 15 -5.49 16.43 -13.73
CA GLN A 15 -4.96 17.28 -12.69
C GLN A 15 -6.03 17.80 -11.73
N ASP A 16 -7.22 18.10 -12.23
CA ASP A 16 -8.28 18.54 -11.33
C ASP A 16 -8.73 17.46 -10.34
N ILE A 17 -8.82 16.23 -10.80
CA ILE A 17 -9.29 15.18 -9.96
C ILE A 17 -8.21 14.84 -8.90
N HIS A 18 -6.97 15.03 -9.31
CA HIS A 18 -5.88 14.85 -8.40
C HIS A 18 -5.90 15.99 -7.35
N GLU A 20 -8.48 17.76 -6.23
CA GLU A 20 -9.65 17.63 -5.37
C GLU A 20 -9.60 16.36 -4.51
N THR A 21 -8.99 15.28 -4.98
CA THR A 21 -9.05 14.03 -4.23
C THR A 21 -7.75 13.62 -3.57
N GLY A 22 -6.61 14.06 -4.07
CA GLY A 22 -5.29 13.69 -3.53
C GLY A 22 -4.88 12.25 -3.82
N GLU A 23 -5.80 11.48 -4.44
CA GLU A 23 -5.56 10.07 -4.77
C GLU A 23 -4.62 9.87 -5.96
N THR A 24 -4.12 8.64 -6.17
CA THR A 24 -3.41 8.27 -7.41
C THR A 24 -4.46 8.25 -8.49
N VAL A 25 -4.17 8.96 -9.56
CA VAL A 25 -5.12 9.09 -10.64
C VAL A 25 -4.39 8.63 -11.90
N ALA A 26 -5.12 8.11 -12.90
CA ALA A 26 -4.48 7.62 -14.12
C ALA A 26 -5.41 7.64 -15.32
N ILE A 27 -4.79 7.72 -16.52
CA ILE A 27 -5.37 7.43 -17.81
C ILE A 27 -4.76 6.11 -18.28
N ALA A 28 -5.60 5.19 -18.71
CA ALA A 28 -5.16 3.87 -19.18
C ALA A 28 -5.93 3.41 -20.42
N THR A 29 -5.31 2.56 -21.20
CA THR A 29 -5.88 1.98 -22.38
C THR A 29 -5.55 0.49 -22.39
N LYS A 30 -5.98 -0.26 -23.43
CA LYS A 30 -5.55 -1.66 -23.50
C LYS A 30 -4.46 -1.98 -24.50
N ASN A 31 -3.66 -2.96 -24.12
CA ASN A 31 -2.64 -3.47 -24.99
C ASN A 31 -2.92 -4.99 -25.02
N ASP A 32 -3.62 -5.43 -26.08
CA ASP A 32 -4.08 -6.82 -26.21
C ASP A 32 -4.98 -7.18 -24.99
N ILE A 33 -4.55 -8.02 -24.06
CA ILE A 33 -5.37 -8.34 -22.90
C ILE A 33 -4.81 -7.73 -21.59
N TYR A 34 -3.91 -6.76 -21.75
CA TYR A 34 -3.22 -6.13 -20.64
C TYR A 34 -3.60 -4.62 -20.52
N LEU A 35 -3.53 -4.12 -19.30
CA LEU A 35 -3.88 -2.76 -19.04
C LEU A 35 -2.56 -2.00 -19.32
N GLN A 36 -2.64 -0.86 -20.01
N GLN A 36 -2.62 -0.83 -19.95
CA GLN A 36 -1.52 0.00 -20.29
CA GLN A 36 -1.43 -0.04 -20.27
C GLN A 36 -1.86 1.38 -19.71
C GLN A 36 -1.64 1.45 -19.95
N TYR A 37 -0.95 1.91 -18.90
CA TYR A 37 -1.08 3.28 -18.37
C TYR A 37 -0.51 4.29 -19.31
N ILE A 38 -1.24 5.37 -19.59
CA ILE A 38 -0.73 6.47 -20.47
C ILE A 38 -0.12 7.57 -19.59
N GLN A 39 -0.70 7.79 -18.41
CA GLN A 39 -0.28 8.83 -17.49
C GLN A 39 -0.80 8.50 -16.15
N ILE A 40 0.06 8.71 -15.17
CA ILE A 40 -0.20 8.45 -13.76
C ILE A 40 0.27 9.68 -13.06
N ILE A 41 -0.58 10.18 -12.17
CA ILE A 41 -0.17 11.16 -11.18
C ILE A 41 -0.29 10.56 -9.76
N GLU A 42 0.84 10.49 -9.06
N GLU A 42 0.82 10.58 -9.04
CA GLU A 42 0.91 9.81 -7.76
CA GLU A 42 0.94 9.97 -7.72
C GLU A 42 0.27 10.63 -6.65
C GLU A 42 0.14 10.70 -6.67
N SER A 43 -0.42 9.93 -5.77
CA SER A 43 -1.07 10.45 -4.59
C SER A 43 -0.10 11.19 -3.69
N VAL A 44 -0.64 12.08 -2.85
CA VAL A 44 0.11 12.74 -1.81
C VAL A 44 -0.21 12.13 -0.43
N HIS A 45 -1.07 11.12 -0.37
CA HIS A 45 -1.33 10.48 0.94
C HIS A 45 -0.16 9.59 1.36
N ALA A 46 -0.03 9.42 2.65
CA ALA A 46 1.01 8.56 3.20
C ALA A 46 0.83 7.11 2.68
N LEU A 47 -0.35 6.56 2.89
CA LEU A 47 -0.59 5.28 2.41
C LEU A 47 -1.16 5.39 0.98
N ARG A 48 -0.43 4.94 -0.03
CA ARG A 48 -0.93 5.05 -1.39
C ARG A 48 -0.54 3.95 -2.37
N PHE A 49 -1.12 4.02 -3.55
CA PHE A 49 -0.72 3.16 -4.67
C PHE A 49 0.55 3.71 -5.31
N HIS A 50 1.59 2.88 -5.38
CA HIS A 50 2.75 3.17 -6.17
C HIS A 50 2.68 2.23 -7.37
N VAL A 51 2.21 2.73 -8.51
CA VAL A 51 2.07 1.92 -9.71
C VAL A 51 3.44 1.58 -10.25
N ASP A 52 3.79 0.29 -10.24
CA ASP A 52 4.98 -0.25 -10.92
C ASP A 52 4.65 -0.51 -12.39
N GLU A 53 5.36 0.19 -13.29
CA GLU A 53 5.02 0.17 -14.72
C GLU A 53 5.52 -1.10 -15.43
N ASN A 54 6.61 -1.67 -14.93
CA ASN A 54 7.09 -2.95 -15.45
C ASN A 54 6.08 -4.10 -15.20
N ALA A 55 5.10 -3.88 -14.32
CA ALA A 55 4.11 -4.90 -14.00
C ALA A 55 3.23 -5.19 -15.21
N ILE A 56 2.95 -6.47 -15.46
CA ILE A 56 2.07 -6.89 -16.55
C ILE A 56 0.73 -7.13 -15.91
N ARG A 57 -0.33 -6.46 -16.37
CA ARG A 57 -1.56 -6.69 -15.66
C ARG A 57 -2.73 -7.00 -16.54
N PRO A 58 -3.25 -8.23 -16.46
CA PRO A 58 -4.40 -8.63 -17.30
C PRO A 58 -5.64 -7.83 -17.00
N LEU A 59 -6.46 -7.60 -18.02
CA LEU A 59 -7.68 -6.76 -17.89
C LEU A 59 -8.70 -7.26 -16.85
N THR A 60 -8.71 -8.57 -16.60
CA THR A 60 -9.63 -9.09 -15.58
C THR A 60 -9.28 -8.64 -14.12
N SER A 62 -8.49 -5.54 -12.73
CA SER A 62 -8.74 -4.20 -12.23
C SER A 62 -10.04 -3.64 -12.76
N SER A 63 -10.62 -2.71 -12.02
CA SER A 63 -11.84 -2.06 -12.49
C SER A 63 -11.55 -1.32 -13.81
N ASN A 64 -10.35 -0.76 -13.97
CA ASN A 64 -9.96 -0.18 -15.29
C ASN A 64 -10.04 -1.23 -16.40
N GLY A 65 -9.55 -2.45 -16.12
CA GLY A 65 -9.70 -3.56 -17.00
C GLY A 65 -11.12 -3.86 -17.45
N TRP A 66 -12.04 -3.99 -16.49
CA TRP A 66 -13.45 -4.28 -16.81
C TRP A 66 -14.04 -3.18 -17.68
N LEU A 68 -12.44 -1.24 -19.82
CA LEU A 68 -11.89 -1.40 -21.17
C LEU A 68 -12.44 -2.59 -21.96
N SER A 70 -15.34 -3.86 -21.47
CA SER A 70 -16.73 -3.53 -21.81
C SER A 70 -16.89 -2.89 -23.21
N THR A 71 -15.78 -2.44 -23.79
CA THR A 71 -15.81 -1.90 -25.16
C THR A 71 -15.66 -2.93 -26.31
N ASN A 73 -16.33 -6.66 -28.51
CA ASN A 73 -17.40 -7.64 -28.76
C ASN A 73 -17.25 -8.92 -27.92
N ASP A 74 -18.31 -9.75 -27.87
CA ASP A 74 -18.35 -10.88 -26.93
C ASP A 74 -17.33 -11.94 -27.26
N LYS A 75 -17.18 -12.22 -28.56
CA LYS A 75 -16.12 -13.11 -29.04
C LYS A 75 -14.74 -12.73 -28.41
N ALA A 76 -14.40 -11.44 -28.48
CA ALA A 76 -13.17 -10.90 -27.93
C ALA A 76 -13.14 -10.90 -26.40
N ILE A 77 -14.29 -10.75 -25.73
CA ILE A 77 -14.29 -10.76 -24.26
C ILE A 77 -13.99 -12.16 -23.72
N ASP A 78 -14.66 -13.14 -24.32
CA ASP A 78 -14.49 -14.57 -24.02
C ASP A 78 -13.06 -15.01 -24.23
N ASN A 79 -12.45 -14.64 -25.35
CA ASN A 79 -11.01 -14.91 -25.55
C ASN A 79 -10.13 -14.28 -24.45
N THR A 80 -10.50 -13.07 -24.05
CA THR A 80 -9.74 -12.29 -23.10
C THR A 80 -9.78 -12.92 -21.71
N VAL A 81 -10.95 -13.36 -21.29
CA VAL A 81 -11.12 -13.93 -19.96
C VAL A 81 -10.41 -15.29 -19.91
N ARG A 82 -10.65 -16.09 -20.95
CA ARG A 82 -9.92 -17.33 -21.15
C ARG A 82 -8.41 -17.16 -21.14
N ARG A 83 -7.88 -16.23 -21.95
CA ARG A 83 -6.44 -16.08 -22.03
C ARG A 83 -5.92 -15.55 -20.70
N ALA A 84 -6.63 -14.56 -20.16
CA ALA A 84 -6.29 -13.99 -18.91
C ALA A 84 -6.32 -15.02 -17.74
N ASN A 85 -7.21 -16.01 -17.79
CA ASN A 85 -7.19 -16.99 -16.72
C ASN A 85 -5.93 -17.82 -16.69
N THR A 86 -5.39 -18.18 -17.86
CA THR A 86 -4.16 -19.00 -17.90
C THR A 86 -2.95 -18.31 -17.26
N ILE A 87 -3.06 -17.01 -17.07
CA ILE A 87 -1.98 -16.22 -16.54
C ILE A 87 -2.17 -15.99 -15.02
N THR A 88 -3.39 -15.58 -14.64
CA THR A 88 -3.69 -15.26 -13.28
C THR A 88 -3.81 -16.52 -12.46
N GLN A 89 -4.07 -17.64 -13.12
CA GLN A 89 -4.20 -18.90 -12.38
C GLN A 89 -2.86 -19.50 -11.98
N LYS A 90 -1.78 -18.96 -12.54
CA LYS A 90 -0.43 -19.31 -12.09
C LYS A 90 -0.24 -18.77 -10.66
N ASP A 91 -1.18 -17.94 -10.21
CA ASP A 91 -1.21 -17.40 -8.86
C ASP A 91 -2.48 -17.79 -8.11
N GLY A 92 -3.15 -18.83 -8.58
CA GLY A 92 -4.39 -19.31 -7.96
C GLY A 92 -5.64 -18.46 -8.12
N ILE A 93 -5.62 -17.46 -9.02
CA ILE A 93 -6.78 -16.61 -9.27
C ILE A 93 -7.39 -16.95 -10.64
N ARG A 94 -8.71 -17.10 -10.71
CA ARG A 94 -9.34 -17.29 -12.02
C ARG A 94 -10.85 -17.06 -12.03
N PHE A 95 -11.29 -16.09 -12.81
CA PHE A 95 -12.71 -15.70 -12.91
C PHE A 95 -13.52 -16.57 -13.88
N GLU A 96 -14.73 -16.97 -13.49
CA GLU A 96 -15.53 -17.78 -14.39
C GLU A 96 -16.14 -16.90 -15.47
N VAL A 97 -15.95 -17.33 -16.71
CA VAL A 97 -16.35 -16.56 -17.87
C VAL A 97 -17.74 -15.97 -17.64
N ASP A 98 -18.68 -16.85 -17.29
CA ASP A 98 -20.02 -16.49 -16.84
C ASP A 98 -20.15 -15.18 -16.02
N ASP A 99 -19.51 -15.15 -14.87
N ASP A 99 -19.57 -15.15 -14.82
CA ASP A 99 -19.62 -14.04 -13.92
CA ASP A 99 -19.67 -13.99 -13.94
C ASP A 99 -18.82 -12.79 -14.32
C ASP A 99 -18.91 -12.78 -14.48
N ALA A 102 -20.81 -11.23 -16.95
CA ALA A 102 -21.88 -10.56 -16.25
C ALA A 102 -21.44 -9.23 -15.68
N ARG A 103 -20.33 -9.21 -14.94
CA ARG A 103 -19.77 -7.95 -14.37
C ARG A 103 -19.49 -6.91 -15.46
N ILE A 104 -18.89 -7.36 -16.53
CA ILE A 104 -18.65 -6.50 -17.69
C ILE A 104 -19.93 -5.93 -18.29
N ARG A 105 -20.97 -6.75 -18.42
N ARG A 105 -20.97 -6.75 -18.44
CA ARG A 105 -22.20 -6.23 -18.99
CA ARG A 105 -22.24 -6.24 -18.99
C ARG A 105 -22.82 -5.15 -18.08
C ARG A 105 -22.78 -5.13 -18.08
N GLN A 106 -22.71 -5.37 -16.77
CA GLN A 106 -23.14 -4.40 -15.74
C GLN A 106 -22.36 -3.07 -15.82
N VAL A 107 -21.05 -3.15 -15.97
CA VAL A 107 -20.21 -1.97 -16.02
C VAL A 107 -20.55 -1.09 -17.23
N ARG A 108 -20.71 -1.74 -18.39
CA ARG A 108 -21.14 -1.11 -19.62
C ARG A 108 -22.47 -0.37 -19.40
N GLU A 109 -23.38 -1.04 -18.66
CA GLU A 109 -24.68 -0.45 -18.29
C GLU A 109 -24.54 0.79 -17.41
N GLN A 110 -24.03 0.61 -16.20
CA GLN A 110 -23.94 1.70 -15.21
C GLN A 110 -22.99 2.88 -15.52
N GLY A 111 -22.06 2.72 -16.47
CA GLY A 111 -21.21 3.83 -17.00
C GLY A 111 -19.82 3.97 -16.39
N TYR A 112 -19.54 3.15 -15.38
CA TYR A 112 -18.31 3.25 -14.59
C TYR A 112 -18.04 1.90 -13.92
N ALA A 113 -16.85 1.76 -13.33
CA ALA A 113 -16.55 0.56 -12.56
C ALA A 113 -15.87 0.91 -11.23
N SER A 114 -16.07 0.09 -10.23
CA SER A 114 -15.28 0.17 -9.05
C SER A 114 -15.02 -1.24 -8.48
N ALA A 115 -14.06 -1.33 -7.59
CA ALA A 115 -13.57 -2.61 -7.11
C ALA A 115 -12.95 -2.37 -5.78
N GLU A 116 -13.09 -3.37 -4.93
CA GLU A 116 -12.52 -3.42 -3.60
C GLU A 116 -11.54 -4.58 -3.59
N HIS A 117 -10.34 -4.37 -3.06
CA HIS A 117 -9.42 -5.46 -2.83
C HIS A 117 -9.02 -6.14 -4.11
N ILE A 118 -9.20 -5.47 -5.26
CA ILE A 118 -8.80 -6.05 -6.58
C ILE A 118 -8.12 -5.01 -7.48
N PRO A 119 -6.86 -5.23 -7.84
CA PRO A 119 -6.00 -6.41 -7.65
C PRO A 119 -5.41 -6.53 -6.22
N PHE A 120 -5.54 -5.52 -5.37
CA PHE A 120 -4.80 -5.58 -4.10
C PHE A 120 -5.61 -5.41 -2.86
N VAL A 121 -5.39 -6.30 -1.92
CA VAL A 121 -6.01 -6.22 -0.61
C VAL A 121 -5.73 -4.86 0.04
N GLY A 122 -6.82 -4.20 0.44
CA GLY A 122 -6.80 -2.93 1.16
C GLY A 122 -6.95 -1.77 0.21
N GLY A 123 -7.06 -2.07 -1.09
CA GLY A 123 -7.19 -1.03 -2.10
C GLY A 123 -8.63 -0.86 -2.58
N GLY A 124 -8.93 0.31 -3.13
CA GLY A 124 -10.21 0.63 -3.74
C GLY A 124 -9.91 1.49 -4.94
N THR A 125 -10.71 1.32 -5.99
CA THR A 125 -10.50 1.98 -7.25
C THR A 125 -11.88 2.31 -7.86
N ILE A 126 -11.92 3.38 -8.64
CA ILE A 126 -13.11 3.81 -9.33
C ILE A 126 -12.64 4.35 -10.64
N CYS A 127 -13.32 4.00 -11.73
CA CYS A 127 -12.94 4.56 -13.01
C CYS A 127 -14.11 4.73 -13.98
N VAL A 128 -13.86 5.53 -15.01
CA VAL A 128 -14.84 5.83 -16.02
C VAL A 128 -14.18 5.73 -17.40
N LEU A 129 -15.00 5.59 -18.41
CA LEU A 129 -14.52 5.60 -19.76
C LEU A 129 -14.48 7.05 -20.30
N LEU A 130 -13.34 7.47 -20.83
CA LEU A 130 -13.29 8.75 -21.52
C LEU A 130 -14.05 8.69 -22.84
N PRO A 131 -14.57 9.85 -23.31
CA PRO A 131 -15.39 9.94 -24.53
C PRO A 131 -14.62 9.71 -25.83
N THR A 133 -11.09 8.16 -28.10
CA THR A 133 -10.15 7.08 -28.22
C THR A 133 -8.76 7.66 -28.45
N ILE A 134 -7.74 6.87 -28.15
CA ILE A 134 -6.37 7.26 -28.40
C ILE A 134 -5.77 6.09 -29.18
N GLN A 135 -5.34 6.39 -30.40
CA GLN A 135 -4.80 5.39 -31.32
C GLN A 135 -5.73 4.22 -31.61
N GLY A 136 -7.00 4.55 -31.87
CA GLY A 136 -8.03 3.52 -32.05
C GLY A 136 -8.45 2.77 -30.80
N GLN A 137 -7.65 2.85 -29.73
CA GLN A 137 -7.96 2.18 -28.45
C GLN A 137 -8.88 3.01 -27.57
N PRO A 138 -9.82 2.36 -26.87
CA PRO A 138 -10.55 3.08 -25.82
C PRO A 138 -9.63 3.44 -24.63
N VAL A 139 -10.08 4.45 -23.88
CA VAL A 139 -9.29 5.08 -22.82
C VAL A 139 -10.11 5.25 -21.54
N THR A 140 -9.43 5.15 -20.42
CA THR A 140 -10.11 5.12 -19.15
C THR A 140 -9.49 6.15 -18.24
N GLY A 142 -9.24 6.89 -14.04
CA GLY A 142 -9.60 6.32 -12.76
C GLY A 142 -8.79 6.81 -11.61
N LEU A 143 -9.27 6.52 -10.40
CA LEU A 143 -8.52 6.82 -9.21
C LEU A 143 -8.39 5.64 -8.27
N GLY A 144 -7.31 5.60 -7.49
CA GLY A 144 -7.04 4.47 -6.62
C GLY A 144 -6.46 4.93 -5.30
N GLY A 145 -6.78 4.23 -4.21
CA GLY A 145 -6.17 4.57 -2.92
C GLY A 145 -6.55 3.55 -1.84
N ALA A 146 -6.34 3.92 -0.58
CA ALA A 146 -6.62 2.99 0.53
C ALA A 146 -8.14 2.86 0.60
N LEU A 147 -8.62 1.62 0.77
CA LEU A 147 -10.05 1.30 0.67
C LEU A 147 -10.97 2.20 1.50
N ASP A 148 -10.59 2.48 2.75
CA ASP A 148 -11.42 3.22 3.62
C ASP A 148 -11.70 4.64 3.12
N ARG A 149 -10.66 5.26 2.58
CA ARG A 149 -10.68 6.63 2.07
C ARG A 149 -11.58 6.67 0.85
N ILE A 150 -11.54 5.59 0.10
CA ILE A 150 -12.34 5.41 -1.09
C ILE A 150 -13.81 5.19 -0.75
N LYS A 151 -14.10 4.26 0.16
CA LYS A 151 -15.44 3.97 0.64
C LYS A 151 -16.09 5.20 1.24
N GLN A 152 -15.30 6.01 1.95
CA GLN A 152 -15.96 7.11 2.60
C GLN A 152 -16.13 8.33 1.68
N ASN A 153 -15.50 8.30 0.52
CA ASN A 153 -15.64 9.41 -0.41
C ASN A 153 -16.27 9.00 -1.73
N TYR A 154 -16.81 7.79 -1.74
CA TYR A 154 -17.25 7.13 -2.96
C TYR A 154 -18.12 8.03 -3.84
N ASP A 155 -19.23 8.52 -3.32
CA ASP A 155 -20.11 9.34 -4.14
C ASP A 155 -19.41 10.57 -4.72
N ARG A 156 -18.66 11.30 -3.89
N ARG A 156 -18.65 11.30 -3.89
CA ARG A 156 -17.92 12.48 -4.35
CA ARG A 156 -17.92 12.48 -4.35
C ARG A 156 -16.89 12.12 -5.43
C ARG A 156 -16.89 12.13 -5.44
N TYR A 157 -16.10 11.07 -5.21
CA TYR A 157 -15.10 10.67 -6.18
C TYR A 157 -15.75 10.31 -7.49
N LEU A 158 -16.77 9.46 -7.45
CA LEU A 158 -17.49 9.10 -8.65
C LEU A 158 -17.98 10.33 -9.39
N GLU A 159 -18.63 11.24 -8.67
CA GLU A 159 -19.21 12.44 -9.24
C GLU A 159 -18.14 13.19 -10.02
N LEU A 160 -16.98 13.41 -9.39
CA LEU A 160 -15.84 14.06 -10.07
C LEU A 160 -15.40 13.32 -11.34
N LEU A 161 -15.38 11.99 -11.35
CA LEU A 161 -14.94 11.33 -12.56
C LEU A 161 -15.96 11.60 -13.66
N LEU A 162 -17.23 11.35 -13.36
CA LEU A 162 -18.30 11.55 -14.32
C LEU A 162 -18.38 12.96 -14.88
N ASN A 163 -18.04 13.94 -14.06
CA ASN A 163 -18.16 15.34 -14.47
C ASN A 163 -16.96 15.64 -15.36
N GLY A 164 -15.86 14.91 -15.12
CA GLY A 164 -14.64 15.03 -15.89
C GLY A 164 -14.87 14.54 -17.31
N VAL A 165 -15.67 13.50 -17.45
CA VAL A 165 -16.13 13.03 -18.73
C VAL A 165 -16.93 14.10 -19.50
N GLN A 166 -17.89 14.75 -18.84
CA GLN A 166 -18.66 15.85 -19.44
C GLN A 166 -17.77 16.99 -19.91
N GLN A 167 -16.76 17.35 -19.14
CA GLN A 167 -15.83 18.37 -19.55
C GLN A 167 -15.05 18.04 -20.81
N LEU A 168 -14.90 16.76 -21.15
CA LEU A 168 -14.15 16.36 -22.35
C LEU A 168 -14.97 16.00 -23.58
N LYS A 169 -16.28 15.93 -23.51
CA LYS A 169 -17.06 15.77 -24.75
C LYS A 169 -16.71 16.73 -25.93
N LYS A 170 -15.93 17.79 -25.67
N LYS A 170 -15.91 17.75 -25.65
CA LYS A 170 -15.48 18.69 -26.75
CA LYS A 170 -15.43 18.74 -26.64
C LYS A 170 -14.05 18.41 -27.24
C LYS A 170 -14.10 18.35 -27.28
N SER A 171 -13.41 17.40 -26.65
CA SER A 171 -12.04 16.98 -27.06
C SER A 171 -11.99 15.84 -28.09
N ASP A 172 -11.16 16.02 -29.10
CA ASP A 172 -11.02 15.07 -30.21
C ASP A 172 -10.39 13.74 -29.82
N SER A 173 -10.75 12.68 -30.55
CA SER A 173 -9.99 11.44 -30.54
C SER A 173 -8.73 11.65 -31.41
N PHE A 174 -7.66 10.92 -31.12
CA PHE A 174 -6.44 11.05 -31.95
C PHE A 174 -5.66 9.74 -32.15
N HIS A 175 -4.98 9.67 -33.29
CA HIS A 175 -4.12 8.52 -33.62
C HIS A 175 -2.65 8.91 -33.76
N GLN A 176 -1.98 9.13 -32.62
CA GLN A 176 -0.60 9.64 -32.56
C GLN A 176 0.24 8.98 -31.45
N SER B 1 35.17 -6.19 18.10
CA SER B 1 36.08 -6.77 17.06
C SER B 1 35.32 -7.84 16.25
N ASN B 2 33.95 -7.84 16.45
CA ASN B 2 33.10 -8.78 15.68
C ASN B 2 31.81 -8.20 15.12
N ALA B 3 31.74 -6.89 15.04
CA ALA B 3 30.56 -6.15 14.58
C ALA B 3 29.97 -6.49 13.20
N LEU B 4 30.80 -6.83 12.21
CA LEU B 4 30.32 -7.01 10.84
C LEU B 4 29.69 -8.38 10.62
N PHE B 5 30.15 -9.43 11.32
CA PHE B 5 29.51 -10.77 11.23
C PHE B 5 28.15 -10.76 11.89
N SER B 6 28.08 -10.15 13.08
CA SER B 6 26.72 -10.01 13.69
C SER B 6 25.79 -9.26 12.77
N SER B 7 26.23 -8.16 12.13
CA SER B 7 25.27 -7.45 11.20
C SER B 7 24.95 -8.26 9.93
N ARG B 8 25.86 -9.11 9.48
CA ARG B 8 25.62 -9.83 8.25
C ARG B 8 24.52 -10.84 8.50
N ASP B 9 24.58 -11.46 9.69
CA ASP B 9 23.59 -12.42 10.11
C ASP B 9 22.25 -11.74 10.23
N ILE B 10 22.15 -10.66 11.01
CA ILE B 10 20.88 -9.91 11.05
C ILE B 10 20.37 -9.50 9.64
N LEU B 11 21.24 -9.03 8.76
CA LEU B 11 20.79 -8.65 7.42
C LEU B 11 20.17 -9.83 6.61
N GLU B 12 20.77 -11.00 6.71
CA GLU B 12 20.31 -12.19 6.02
C GLU B 12 18.85 -12.53 6.43
N VAL B 13 18.58 -12.48 7.72
CA VAL B 13 17.25 -12.80 8.19
C VAL B 13 16.34 -11.71 7.72
N LEU B 14 16.80 -10.48 7.87
CA LEU B 14 15.95 -9.35 7.48
C LEU B 14 15.56 -9.43 6.00
N GLN B 15 16.52 -9.75 5.14
CA GLN B 15 16.25 -9.87 3.70
C GLN B 15 15.29 -10.99 3.42
N ASP B 16 15.36 -12.05 4.21
CA ASP B 16 14.60 -13.27 3.96
C ASP B 16 13.11 -12.99 4.27
N ILE B 17 12.87 -12.33 5.39
CA ILE B 17 11.53 -11.93 5.77
C ILE B 17 10.96 -10.93 4.74
N HIS B 18 11.82 -10.14 4.13
CA HIS B 18 11.36 -9.17 3.15
C HIS B 18 10.93 -9.89 1.87
N GLU B 20 9.94 -13.06 1.58
CA GLU B 20 8.74 -13.85 1.89
C GLU B 20 7.47 -13.02 1.97
N THR B 21 7.57 -11.77 2.40
CA THR B 21 6.38 -11.01 2.74
C THR B 21 6.13 -9.80 1.84
N GLY B 22 7.20 -9.20 1.29
CA GLY B 22 7.12 -8.00 0.47
C GLY B 22 6.99 -6.71 1.27
N GLU B 23 6.87 -6.81 2.62
CA GLU B 23 6.60 -5.66 3.48
C GLU B 23 7.84 -4.78 3.77
N THR B 24 7.63 -3.56 4.21
CA THR B 24 8.67 -2.77 4.79
C THR B 24 9.12 -3.52 6.04
N VAL B 25 10.45 -3.70 6.16
CA VAL B 25 11.00 -4.40 7.30
C VAL B 25 12.03 -3.52 7.89
N ALA B 26 12.20 -3.58 9.21
CA ALA B 26 13.20 -2.71 9.81
C ALA B 26 13.90 -3.37 10.98
N ILE B 27 15.12 -2.89 11.24
CA ILE B 27 15.84 -3.13 12.48
C ILE B 27 15.90 -1.77 13.18
N ALA B 28 15.62 -1.78 14.48
CA ALA B 28 15.49 -0.52 15.21
C ALA B 28 16.12 -0.63 16.60
N THR B 29 16.52 0.50 17.16
CA THR B 29 17.03 0.46 18.51
C THR B 29 16.57 1.68 19.27
N LYS B 30 16.96 1.75 20.54
CA LYS B 30 16.69 2.86 21.42
C LYS B 30 17.86 3.81 21.43
N ASN B 31 17.59 5.12 21.35
CA ASN B 31 18.63 6.11 21.62
C ASN B 31 18.02 7.11 22.55
N ASP B 32 18.29 6.94 23.85
CA ASP B 32 17.73 7.80 24.86
C ASP B 32 16.25 7.45 24.92
N ILE B 33 15.42 8.33 24.37
CA ILE B 33 13.97 8.30 24.54
C ILE B 33 13.36 8.15 23.15
N TYR B 34 14.24 7.85 22.19
CA TYR B 34 13.87 7.83 20.77
C TYR B 34 14.06 6.50 20.18
N LEU B 35 13.19 6.22 19.21
CA LEU B 35 13.41 5.15 18.28
C LEU B 35 14.38 5.58 17.19
N GLN B 36 15.30 4.69 16.86
CA GLN B 36 16.29 4.92 15.80
C GLN B 36 16.38 3.68 14.98
N TYR B 37 16.21 3.84 13.66
CA TYR B 37 16.36 2.76 12.66
C TYR B 37 17.80 2.53 12.29
N ILE B 38 18.21 1.28 12.34
CA ILE B 38 19.54 0.89 11.92
C ILE B 38 19.43 0.63 10.42
N GLN B 39 18.31 0.09 9.99
CA GLN B 39 18.14 -0.34 8.63
C GLN B 39 16.65 -0.62 8.35
N ILE B 40 16.19 -0.08 7.22
CA ILE B 40 14.87 -0.30 6.64
C ILE B 40 15.05 -0.87 5.24
N ILE B 41 14.18 -1.80 4.86
CA ILE B 41 14.05 -2.23 3.46
C ILE B 41 12.60 -1.92 3.06
N GLU B 42 12.49 -1.04 2.07
N GLU B 42 12.47 -1.02 2.09
CA GLU B 42 11.23 -0.58 1.53
CA GLU B 42 11.17 -0.52 1.70
C GLU B 42 10.35 -1.76 1.03
C GLU B 42 10.34 -1.61 0.98
N SER B 43 9.07 -1.71 1.36
CA SER B 43 8.09 -2.62 0.79
C SER B 43 8.07 -2.62 -0.74
N VAL B 44 7.67 -3.73 -1.34
CA VAL B 44 7.44 -3.79 -2.79
C VAL B 44 5.95 -3.91 -3.10
N HIS B 45 5.07 -3.81 -2.10
CA HIS B 45 3.64 -3.78 -2.40
C HIS B 45 3.23 -2.48 -3.06
N ALA B 46 2.35 -2.59 -4.05
CA ALA B 46 1.86 -1.43 -4.74
C ALA B 46 1.23 -0.48 -3.71
N LEU B 47 0.54 -1.06 -2.72
CA LEU B 47 -0.08 -0.27 -1.70
C LEU B 47 0.77 -0.26 -0.42
N ARG B 48 1.34 0.90 -0.11
CA ARG B 48 2.36 1.00 0.95
C ARG B 48 2.61 2.46 1.31
N PHE B 49 3.34 2.66 2.41
CA PHE B 49 3.83 3.99 2.82
C PHE B 49 5.26 4.13 2.43
N HIS B 50 5.76 5.37 2.40
N HIS B 50 5.76 5.36 2.39
CA HIS B 50 7.19 5.55 2.65
CA HIS B 50 7.21 5.55 2.61
C HIS B 50 7.38 5.79 4.15
C HIS B 50 7.47 5.89 4.09
N VAL B 51 8.37 5.14 4.74
CA VAL B 51 8.82 5.53 6.12
C VAL B 51 9.81 6.70 5.91
N ASP B 52 9.71 7.68 6.79
CA ASP B 52 10.64 8.78 6.79
C ASP B 52 11.69 8.54 7.86
N GLU B 53 12.96 8.50 7.45
CA GLU B 53 14.00 8.03 8.35
C GLU B 53 14.54 9.14 9.27
N ASN B 54 14.33 10.40 8.87
CA ASN B 54 14.81 11.54 9.65
C ASN B 54 13.92 11.91 10.84
N ALA B 55 12.68 11.41 10.84
CA ALA B 55 11.75 11.73 11.91
C ALA B 55 12.40 11.45 13.27
N ILE B 56 12.16 12.33 14.24
CA ILE B 56 12.50 12.05 15.62
C ILE B 56 11.26 11.40 16.28
N ARG B 57 11.33 10.09 16.47
N ARG B 57 11.26 10.08 16.42
CA ARG B 57 10.21 9.30 16.98
CA ARG B 57 10.09 9.42 16.97
C ARG B 57 10.40 8.91 18.45
C ARG B 57 10.34 8.92 18.40
N PRO B 58 9.58 9.46 19.37
CA PRO B 58 9.69 9.00 20.76
C PRO B 58 9.15 7.59 20.89
N LEU B 59 9.78 6.82 21.77
CA LEU B 59 9.48 5.38 21.91
C LEU B 59 7.98 4.98 21.99
N THR B 60 7.14 5.82 22.61
CA THR B 60 5.68 5.60 22.74
C THR B 60 4.87 5.41 21.43
N SER B 62 5.13 3.79 18.77
CA SER B 62 5.53 2.69 17.92
C SER B 62 5.37 1.33 18.60
N SER B 63 5.06 0.30 17.80
CA SER B 63 5.07 -1.05 18.36
C SER B 63 6.53 -1.41 18.75
N ASN B 64 7.47 -1.12 17.86
CA ASN B 64 8.90 -1.13 18.19
C ASN B 64 9.24 -0.41 19.50
N GLY B 65 8.74 0.81 19.66
CA GLY B 65 9.03 1.57 20.85
C GLY B 65 8.70 0.79 22.09
N TRP B 66 7.45 0.37 22.16
CA TRP B 66 6.93 -0.45 23.24
C TRP B 66 7.88 -1.61 23.58
N LEU B 68 11.02 -1.89 22.82
CA LEU B 68 12.32 -1.41 23.24
C LEU B 68 12.25 -1.05 24.72
N SER B 70 10.36 -2.26 27.02
CA SER B 70 10.04 -3.35 27.93
C SER B 70 11.31 -3.92 28.58
N THR B 71 12.45 -3.54 28.03
CA THR B 71 13.75 -3.99 28.52
C THR B 71 14.29 -3.15 29.69
N ASN B 73 13.71 -0.63 33.40
CA ASN B 73 12.83 -0.62 34.59
C ASN B 73 11.77 0.47 34.51
N ASP B 74 11.01 0.61 35.60
CA ASP B 74 9.75 1.35 35.58
C ASP B 74 9.90 2.84 35.84
N LYS B 75 10.90 3.19 36.66
CA LYS B 75 11.37 4.57 36.82
C LYS B 75 12.25 4.94 35.62
N ALA B 76 12.20 4.10 34.58
CA ALA B 76 12.69 4.42 33.24
C ALA B 76 11.45 4.70 32.35
N ILE B 77 10.45 3.79 32.45
CA ILE B 77 9.21 3.84 31.63
C ILE B 77 8.30 5.10 31.76
N ASP B 78 7.86 5.41 32.98
CA ASP B 78 6.79 6.42 33.24
C ASP B 78 7.13 7.86 32.82
N ASN B 79 8.36 8.27 33.17
CA ASN B 79 8.82 9.60 32.81
C ASN B 79 8.89 9.75 31.28
N THR B 80 9.27 8.67 30.60
CA THR B 80 9.25 8.65 29.14
C THR B 80 7.86 9.02 28.56
N VAL B 81 6.78 8.55 29.19
CA VAL B 81 5.42 8.80 28.67
C VAL B 81 4.98 10.29 28.69
N ARG B 82 5.49 11.05 29.66
CA ARG B 82 5.23 12.49 29.70
C ARG B 82 6.14 13.27 28.71
N ARG B 83 7.44 12.87 28.72
CA ARG B 83 8.40 13.40 27.74
C ARG B 83 7.86 13.31 26.32
N ALA B 84 7.18 12.20 26.02
CA ALA B 84 6.53 11.98 24.72
C ALA B 84 5.24 12.79 24.52
N ASN B 85 4.42 12.92 25.58
CA ASN B 85 3.12 13.62 25.47
C ASN B 85 3.16 15.13 25.05
N THR B 86 3.83 15.99 25.83
CA THR B 86 3.81 17.42 25.48
C THR B 86 4.39 17.70 24.08
N ILE B 87 5.35 16.78 23.70
CA ILE B 87 5.82 16.73 22.29
C ILE B 87 4.65 16.38 21.34
N THR B 88 3.90 15.31 21.67
CA THR B 88 2.96 14.73 20.68
C THR B 88 1.50 15.20 20.82
N GLN B 89 1.17 15.84 21.95
CA GLN B 89 -0.19 16.31 22.19
C GLN B 89 -0.56 17.33 21.12
N LYS B 90 0.48 17.95 20.54
CA LYS B 90 0.30 18.88 19.43
C LYS B 90 -0.16 18.17 18.14
N ASP B 91 -0.36 16.84 18.21
CA ASP B 91 -0.98 16.08 17.11
C ASP B 91 -2.34 15.54 17.56
N GLY B 92 -2.73 15.93 18.78
CA GLY B 92 -3.94 15.41 19.40
C GLY B 92 -3.66 14.04 20.09
N ILE B 93 -2.27 13.51 20.06
CA ILE B 93 -1.98 12.15 20.55
C ILE B 93 -1.48 12.16 21.99
N ARG B 94 -2.35 11.62 22.89
CA ARG B 94 -2.10 11.66 24.32
C ARG B 94 -2.43 10.32 24.98
N PHE B 95 -1.34 9.50 25.22
CA PHE B 95 -1.54 8.17 25.79
C PHE B 95 -1.33 8.19 27.30
N GLU B 96 -2.37 7.82 28.05
CA GLU B 96 -2.35 7.76 29.53
C GLU B 96 -1.29 6.75 30.04
N VAL B 97 -0.62 7.07 31.14
CA VAL B 97 0.56 6.30 31.62
C VAL B 97 0.30 4.79 31.84
N ASP B 98 -0.26 4.39 32.99
CA ASP B 98 -0.57 2.96 33.27
C ASP B 98 -1.27 2.19 32.13
N ASP B 99 -1.92 2.91 31.22
CA ASP B 99 -2.31 2.39 29.89
C ASP B 99 -1.15 1.79 29.08
N ALA B 102 0.83 -2.38 31.34
CA ALA B 102 0.48 -3.79 31.12
C ALA B 102 0.69 -4.16 29.65
N ARG B 103 0.58 -3.16 28.77
CA ARG B 103 0.96 -3.30 27.36
C ARG B 103 2.45 -3.64 27.33
N ILE B 104 3.22 -3.06 28.26
CA ILE B 104 4.65 -3.37 28.36
C ILE B 104 4.98 -4.78 28.93
N ARG B 105 4.35 -5.18 30.04
CA ARG B 105 4.56 -6.51 30.62
C ARG B 105 4.27 -7.59 29.59
N GLN B 106 3.03 -7.56 29.10
CA GLN B 106 2.51 -8.48 28.11
C GLN B 106 3.36 -8.57 26.83
N VAL B 107 3.91 -7.44 26.40
CA VAL B 107 4.80 -7.39 25.25
C VAL B 107 6.13 -8.13 25.56
N ARG B 108 6.74 -7.86 26.70
CA ARG B 108 7.94 -8.59 27.18
C ARG B 108 7.72 -10.10 27.37
N GLU B 109 6.58 -10.45 27.94
CA GLU B 109 6.28 -11.84 28.17
C GLU B 109 6.29 -12.62 26.85
N GLN B 110 5.61 -12.10 25.84
CA GLN B 110 5.42 -12.85 24.61
C GLN B 110 6.62 -12.70 23.68
N GLY B 111 7.40 -11.67 23.91
CA GLY B 111 8.56 -11.50 23.08
C GLY B 111 8.30 -10.76 21.77
N TYR B 112 7.02 -10.45 21.49
CA TYR B 112 6.60 -9.63 20.33
C TYR B 112 5.53 -8.55 20.65
N ALA B 113 5.35 -7.61 19.71
CA ALA B 113 4.36 -6.51 19.80
C ALA B 113 3.85 -6.17 18.43
N SER B 114 2.67 -5.58 18.38
CA SER B 114 2.03 -5.22 17.13
C SER B 114 1.04 -4.15 17.44
N ALA B 115 0.61 -3.45 16.40
CA ALA B 115 -0.16 -2.21 16.51
C ALA B 115 -0.83 -1.88 15.19
N GLU B 116 -2.00 -1.27 15.26
CA GLU B 116 -2.69 -0.73 14.11
C GLU B 116 -2.83 0.75 14.20
N HIS B 117 -2.74 1.44 13.05
CA HIS B 117 -2.88 2.91 13.00
C HIS B 117 -1.85 3.74 13.78
N ILE B 118 -0.74 3.14 14.21
CA ILE B 118 0.24 3.91 14.93
C ILE B 118 1.60 3.45 14.48
N PRO B 119 2.42 4.39 13.93
CA PRO B 119 2.12 5.84 13.84
C PRO B 119 1.18 6.28 12.70
N PHE B 120 0.95 5.41 11.70
CA PHE B 120 0.07 5.77 10.57
C PHE B 120 -1.30 5.08 10.47
N VAL B 121 -2.32 5.92 10.32
CA VAL B 121 -3.67 5.49 9.97
C VAL B 121 -3.67 4.62 8.71
N GLY B 122 -4.29 3.46 8.82
CA GLY B 122 -4.41 2.54 7.71
C GLY B 122 -3.25 1.59 7.71
N GLY B 123 -2.31 1.79 8.65
CA GLY B 123 -1.09 1.00 8.78
C GLY B 123 -1.16 -0.09 9.82
N GLY B 124 -0.34 -1.13 9.66
CA GLY B 124 -0.22 -2.20 10.67
C GLY B 124 1.27 -2.49 10.81
N THR B 125 1.73 -2.75 12.03
CA THR B 125 3.11 -3.20 12.21
C THR B 125 3.14 -4.37 13.14
N ILE B 126 4.23 -5.13 13.09
CA ILE B 126 4.49 -6.23 14.05
C ILE B 126 5.99 -6.30 14.22
N CYS B 127 6.42 -6.52 15.45
CA CYS B 127 7.84 -6.61 15.71
C CYS B 127 8.23 -7.61 16.81
N VAL B 128 9.47 -8.09 16.71
CA VAL B 128 10.03 -9.03 17.69
C VAL B 128 11.29 -8.47 18.28
N LEU B 129 11.56 -8.85 19.50
CA LEU B 129 12.82 -8.42 20.14
C LEU B 129 13.95 -9.33 19.69
N LEU B 130 15.07 -8.77 19.24
CA LEU B 130 16.22 -9.59 18.86
C LEU B 130 16.99 -10.04 20.11
N PRO B 131 17.68 -11.20 20.06
CA PRO B 131 18.31 -11.75 21.24
C PRO B 131 19.66 -11.16 21.57
N THR B 133 22.08 -7.59 22.01
CA THR B 133 22.12 -6.15 22.14
C THR B 133 23.22 -5.69 21.20
N ILE B 134 23.23 -4.40 20.88
CA ILE B 134 24.37 -3.79 20.22
C ILE B 134 24.62 -2.46 20.88
N GLN B 135 25.88 -2.26 21.26
CA GLN B 135 26.30 -1.11 22.00
C GLN B 135 25.44 -0.95 23.27
N GLY B 136 25.17 -2.08 23.94
CA GLY B 136 24.43 -2.09 25.21
C GLY B 136 22.95 -1.73 25.10
N GLN B 137 22.47 -1.49 23.87
CA GLN B 137 21.09 -1.04 23.65
C GLN B 137 20.28 -2.16 23.00
N PRO B 138 19.00 -2.31 23.39
CA PRO B 138 18.12 -3.34 22.79
C PRO B 138 17.76 -3.08 21.31
N VAL B 139 17.51 -4.14 20.56
CA VAL B 139 17.22 -4.05 19.12
C VAL B 139 16.04 -4.93 18.69
N THR B 140 15.15 -4.32 17.89
CA THR B 140 13.93 -4.96 17.43
C THR B 140 13.93 -5.18 15.92
N GLY B 142 11.09 -5.69 12.74
CA GLY B 142 9.67 -5.43 12.57
C GLY B 142 9.33 -5.37 11.13
N LEU B 143 8.05 -5.53 10.82
CA LEU B 143 7.53 -5.25 9.49
C LEU B 143 6.20 -4.46 9.61
N GLY B 144 5.85 -3.78 8.51
CA GLY B 144 4.76 -2.81 8.48
C GLY B 144 4.19 -2.79 7.07
N GLY B 145 2.93 -2.35 6.94
CA GLY B 145 2.28 -2.25 5.66
C GLY B 145 0.82 -1.85 5.79
N ALA B 146 0.06 -1.95 4.71
CA ALA B 146 -1.35 -1.58 4.75
C ALA B 146 -2.07 -2.46 5.77
N LEU B 147 -2.92 -1.86 6.60
CA LEU B 147 -3.53 -2.60 7.70
C LEU B 147 -4.26 -3.86 7.25
N ASP B 148 -5.02 -3.82 6.15
CA ASP B 148 -5.80 -4.97 5.72
C ASP B 148 -4.91 -6.15 5.43
N ARG B 149 -3.78 -5.88 4.79
CA ARG B 149 -2.85 -6.91 4.44
C ARG B 149 -2.10 -7.41 5.69
N ILE B 150 -1.86 -6.56 6.68
CA ILE B 150 -1.20 -7.06 7.89
C ILE B 150 -2.12 -8.00 8.67
N LYS B 151 -3.40 -7.63 8.80
CA LYS B 151 -4.39 -8.46 9.45
C LYS B 151 -4.51 -9.82 8.78
N GLN B 152 -4.62 -9.81 7.46
CA GLN B 152 -4.86 -11.02 6.70
C GLN B 152 -3.67 -11.99 6.81
N ASN B 153 -2.47 -11.46 6.97
CA ASN B 153 -1.27 -12.29 7.05
C ASN B 153 -0.64 -12.36 8.44
N TYR B 154 -1.37 -11.89 9.45
CA TYR B 154 -0.87 -11.78 10.80
C TYR B 154 -0.10 -13.04 11.31
N ASP B 155 -0.75 -14.20 11.24
CA ASP B 155 -0.11 -15.39 11.79
C ASP B 155 1.18 -15.80 11.08
N ARG B 156 1.14 -15.93 9.75
CA ARG B 156 2.36 -16.19 8.98
C ARG B 156 3.48 -15.15 9.20
N TYR B 157 3.12 -13.86 9.18
CA TYR B 157 4.08 -12.80 9.37
C TYR B 157 4.72 -12.88 10.79
N LEU B 158 3.89 -13.00 11.83
CA LEU B 158 4.44 -13.17 13.16
C LEU B 158 5.38 -14.43 13.25
N GLU B 159 4.96 -15.56 12.71
N GLU B 159 4.92 -15.55 12.72
CA GLU B 159 5.85 -16.73 12.75
CA GLU B 159 5.72 -16.76 12.62
C GLU B 159 7.12 -16.62 11.89
C GLU B 159 7.10 -16.49 11.98
N LEU B 160 7.12 -15.76 10.88
CA LEU B 160 8.36 -15.53 10.13
C LEU B 160 9.34 -14.80 11.05
N LEU B 161 8.82 -13.79 11.72
CA LEU B 161 9.62 -12.99 12.64
C LEU B 161 10.17 -13.87 13.75
N LEU B 162 9.32 -14.66 14.40
CA LEU B 162 9.76 -15.44 15.56
C LEU B 162 10.68 -16.59 15.20
N ASN B 163 10.50 -17.14 14.00
N ASN B 163 10.51 -17.16 14.00
CA ASN B 163 11.46 -18.06 13.39
CA ASN B 163 11.50 -18.07 13.49
C ASN B 163 12.80 -17.37 13.13
C ASN B 163 12.82 -17.32 13.24
N GLY B 164 12.74 -16.09 12.75
CA GLY B 164 13.94 -15.26 12.53
C GLY B 164 14.77 -15.04 13.80
N VAL B 165 14.10 -14.84 14.93
CA VAL B 165 14.78 -14.79 16.23
C VAL B 165 15.44 -16.14 16.54
N GLN B 166 14.81 -17.21 16.12
CA GLN B 166 15.27 -18.54 16.42
C GLN B 166 16.45 -18.89 15.54
N GLN B 167 16.55 -18.25 14.38
CA GLN B 167 17.76 -18.39 13.56
C GLN B 167 18.90 -17.63 14.15
N LEU B 168 18.62 -16.43 14.67
CA LEU B 168 19.66 -15.53 15.17
C LEU B 168 20.35 -16.04 16.45
N LYS B 169 19.57 -16.64 17.35
CA LYS B 169 20.11 -17.36 18.52
C LYS B 169 21.14 -18.44 18.16
N LYS B 170 21.19 -18.84 16.90
CA LYS B 170 22.20 -19.79 16.43
C LYS B 170 23.43 -19.11 15.76
N SER B 171 24.14 -18.20 16.44
CA SER B 171 25.26 -17.47 15.81
C SER B 171 26.31 -16.86 16.78
N ASP B 172 27.52 -16.58 16.25
CA ASP B 172 28.67 -15.95 16.96
C ASP B 172 28.81 -16.17 18.49
#